data_9DYQ
#
_entry.id   9DYQ
#
_cell.length_a   83.942
_cell.length_b   109.760
_cell.length_c   59.100
_cell.angle_alpha   90.000
_cell.angle_beta   90.000
_cell.angle_gamma   90.000
#
_symmetry.space_group_name_H-M   'P 21 21 2'
#
loop_
_entity.id
_entity.type
_entity.pdbx_description
1 polymer Dysferlin
2 non-polymer 'CALCIUM ION'
3 non-polymer 'CHLORIDE ION'
4 non-polymer 'ACETIC ACID'
5 non-polymer GLYCEROL
6 water water
#
_entity_poly.entity_id   1
_entity_poly.type   'polypeptide(L)'
_entity_poly.pdbx_seq_one_letter_code
;GDITHMARRFFLRCIIWNTRDVILDDLSLTGEKMSDIYVKGWMIGFEEHKQKTDVHYRSLGGEGNFNWRFIFPFDYLPAE
QVCTIAKKDAFWRLDKTESKIPARVVFQIWDNDKFSFDDFLGSLQLDLNRMPKPAKTAKKCSLDQLDDAFHPEWFVSLFE
QKTVKGWWPCVAEEGEKKILAGKLEMTLEIVAESEHEERP
;
_entity_poly.pdbx_strand_id   A,B
#
# COMPACT_ATOMS: atom_id res chain seq x y z
N MET A 6 8.27 -15.02 13.40
CA MET A 6 8.62 -13.62 13.20
C MET A 6 7.39 -12.75 12.96
N ALA A 7 7.53 -11.46 13.19
CA ALA A 7 6.48 -10.49 12.86
C ALA A 7 6.66 -10.05 11.42
N ARG A 8 5.60 -10.16 10.63
CA ARG A 8 5.61 -9.79 9.21
C ARG A 8 4.77 -8.54 9.02
N ARG A 9 5.26 -7.64 8.18
CA ARG A 9 4.60 -6.36 7.93
C ARG A 9 3.56 -6.51 6.83
N PHE A 10 2.31 -6.13 7.13
CA PHE A 10 1.23 -6.18 6.18
C PHE A 10 0.58 -4.81 6.05
N PHE A 11 -0.32 -4.71 5.07
CA PHE A 11 -1.05 -3.47 4.82
C PHE A 11 -2.49 -3.81 4.47
N LEU A 12 -3.43 -3.31 5.27
CA LEU A 12 -4.85 -3.41 4.95
C LEU A 12 -5.22 -2.22 4.08
N ARG A 13 -5.61 -2.50 2.83
CA ARG A 13 -6.06 -1.49 1.89
C ARG A 13 -7.57 -1.49 1.90
N CYS A 14 -8.17 -0.36 2.25
CA CYS A 14 -9.62 -0.22 2.32
C CYS A 14 -10.05 0.91 1.39
N ILE A 15 -10.98 0.61 0.48
CA ILE A 15 -11.66 1.63 -0.30
C ILE A 15 -13.09 1.72 0.22
N ILE A 16 -13.47 2.89 0.70
CA ILE A 16 -14.87 3.17 1.04
C ILE A 16 -15.50 3.74 -0.22
N TRP A 17 -16.36 2.94 -0.86
CA TRP A 17 -17.04 3.39 -2.07
C TRP A 17 -18.24 4.25 -1.72
N ASN A 18 -19.20 3.70 -0.98
CA ASN A 18 -20.44 4.40 -0.69
C ASN A 18 -21.05 3.90 0.61
N THR A 19 -22.00 4.67 1.13
CA THR A 19 -22.88 4.20 2.19
C THR A 19 -24.32 4.39 1.74
N ARG A 20 -25.21 3.55 2.26
CA ARG A 20 -26.64 3.69 1.99
C ARG A 20 -27.40 3.48 3.29
N ASP A 21 -28.60 4.06 3.35
CA ASP A 21 -29.52 3.80 4.47
C ASP A 21 -28.95 4.30 5.80
N VAL A 22 -28.14 5.35 5.78
CA VAL A 22 -27.49 5.79 7.02
C VAL A 22 -28.49 6.61 7.83
N ILE A 23 -28.48 6.40 9.14
CA ILE A 23 -29.34 7.16 10.04
C ILE A 23 -29.19 8.65 9.78
N LEU A 24 -30.32 9.37 9.83
CA LEU A 24 -30.34 10.83 9.67
C LEU A 24 -30.50 11.47 11.04
N ASP A 25 -29.49 12.25 11.44
CA ASP A 25 -29.33 12.70 12.82
C ASP A 25 -29.71 14.16 13.03
N ASP A 26 -29.78 14.98 11.97
CA ASP A 26 -29.98 16.41 12.07
C ASP A 26 -31.30 16.82 11.45
N LEU A 27 -31.71 18.06 11.75
CA LEU A 27 -32.86 18.68 11.06
C LEU A 27 -32.22 19.85 10.31
N SER A 28 -32.59 20.03 9.06
CA SER A 28 -32.04 21.09 8.19
C SER A 28 -32.62 22.43 8.62
N LEU A 29 -32.07 23.52 8.14
CA LEU A 29 -32.61 24.87 8.46
C LEU A 29 -34.05 24.86 7.95
N THR A 30 -34.36 24.21 6.82
CA THR A 30 -35.73 24.01 6.28
C THR A 30 -36.51 22.96 7.10
N GLY A 31 -35.86 22.18 7.95
CA GLY A 31 -36.52 21.19 8.82
C GLY A 31 -36.60 19.81 8.22
N GLU A 32 -35.61 19.41 7.43
CA GLU A 32 -35.59 18.11 6.72
C GLU A 32 -34.51 17.21 7.32
N LYS A 33 -34.86 15.98 7.69
CA LYS A 33 -33.91 15.01 8.25
C LYS A 33 -32.70 14.88 7.32
N MET A 34 -31.48 14.86 7.87
CA MET A 34 -30.29 14.69 7.06
C MET A 34 -29.10 14.33 7.94
N SER A 35 -28.03 13.88 7.29
CA SER A 35 -26.76 13.69 7.93
C SER A 35 -25.63 14.19 7.03
N ASP A 36 -24.56 14.66 7.67
CA ASP A 36 -23.31 15.04 6.99
C ASP A 36 -22.36 13.88 7.24
N ILE A 37 -22.37 12.91 6.32
CA ILE A 37 -21.85 11.58 6.58
C ILE A 37 -20.35 11.52 6.31
N TYR A 38 -19.59 10.89 7.22
CA TYR A 38 -18.22 10.51 6.91
C TYR A 38 -17.92 9.19 7.64
N VAL A 39 -16.85 8.52 7.21
CA VAL A 39 -16.49 7.21 7.72
C VAL A 39 -15.12 7.27 8.35
N LYS A 40 -14.99 6.73 9.55
CA LYS A 40 -13.76 6.61 10.31
C LYS A 40 -13.33 5.15 10.28
N GLY A 41 -12.03 4.92 10.18
CA GLY A 41 -11.53 3.55 10.20
C GLY A 41 -10.18 3.46 10.89
N TRP A 42 -9.90 2.29 11.46
CA TRP A 42 -8.60 2.01 12.06
C TRP A 42 -8.58 0.55 12.48
N MET A 43 -7.38 0.04 12.73
CA MET A 43 -7.18 -1.29 13.28
C MET A 43 -7.01 -1.21 14.79
N ILE A 44 -7.62 -2.16 15.51
CA ILE A 44 -7.49 -2.21 16.96
C ILE A 44 -6.04 -2.38 17.33
N GLY A 45 -5.58 -1.61 18.31
CA GLY A 45 -4.19 -1.59 18.70
C GLY A 45 -3.34 -0.61 17.92
N PHE A 46 -3.88 -0.02 16.86
CA PHE A 46 -3.21 1.00 16.06
C PHE A 46 -4.11 2.22 15.94
N GLU A 47 -4.74 2.59 17.05
N GLU A 47 -4.73 2.62 17.05
CA GLU A 47 -5.58 3.79 17.11
CA GLU A 47 -5.59 3.81 17.02
C GLU A 47 -4.82 5.05 16.73
C GLU A 47 -4.80 5.02 16.54
N GLU A 48 -3.48 5.02 16.73
CA GLU A 48 -2.69 6.16 16.32
C GLU A 48 -2.77 6.40 14.82
N HIS A 49 -3.10 5.38 14.03
CA HIS A 49 -3.18 5.51 12.58
C HIS A 49 -4.61 5.65 12.07
N LYS A 50 -5.58 5.99 12.93
CA LYS A 50 -6.95 6.08 12.44
C LYS A 50 -7.07 7.14 11.37
N GLN A 51 -8.00 6.91 10.43
CA GLN A 51 -8.20 7.78 9.29
C GLN A 51 -9.69 8.01 9.09
N LYS A 52 -10.04 9.01 8.27
CA LYS A 52 -11.44 9.27 7.97
C LYS A 52 -11.57 9.75 6.55
N THR A 53 -12.75 9.53 5.96
CA THR A 53 -13.05 10.03 4.63
C THR A 53 -13.32 11.53 4.70
N ASP A 54 -13.51 12.15 3.53
CA ASP A 54 -14.11 13.47 3.52
C ASP A 54 -15.61 13.33 3.79
N VAL A 55 -16.29 14.46 3.95
CA VAL A 55 -17.68 14.48 4.41
C VAL A 55 -18.62 14.58 3.21
N HIS A 56 -19.67 13.76 3.19
CA HIS A 56 -20.75 13.91 2.22
C HIS A 56 -21.84 14.74 2.88
N TYR A 57 -21.84 16.03 2.57
CA TYR A 57 -22.69 16.99 3.27
C TYR A 57 -24.14 16.86 2.83
N ARG A 58 -25.03 16.98 3.81
CA ARG A 58 -26.46 17.15 3.57
C ARG A 58 -27.04 15.94 2.83
N SER A 59 -26.72 14.74 3.32
CA SER A 59 -27.36 13.55 2.81
C SER A 59 -28.82 13.52 3.23
N LEU A 60 -29.74 13.55 2.26
CA LEU A 60 -31.16 13.61 2.54
C LEU A 60 -31.84 12.25 2.52
N GLY A 61 -31.14 11.21 2.03
CA GLY A 61 -31.72 9.88 1.98
C GLY A 61 -30.84 8.80 2.58
N GLY A 62 -29.82 9.21 3.33
CA GLY A 62 -28.91 8.27 3.95
C GLY A 62 -27.82 7.74 3.05
N GLU A 63 -27.68 8.28 1.85
CA GLU A 63 -26.67 7.82 0.91
C GLU A 63 -25.48 8.77 0.97
N GLY A 64 -24.28 8.20 0.86
CA GLY A 64 -23.06 8.99 0.76
C GLY A 64 -22.15 8.36 -0.27
N ASN A 65 -21.33 9.21 -0.91
CA ASN A 65 -20.41 8.78 -1.96
C ASN A 65 -19.02 9.25 -1.59
N PHE A 66 -18.07 8.32 -1.54
CA PHE A 66 -16.75 8.66 -1.01
C PHE A 66 -15.59 8.26 -1.93
N ASN A 67 -15.60 7.05 -2.44
CA ASN A 67 -14.48 6.51 -3.20
C ASN A 67 -13.15 6.91 -2.56
N TRP A 68 -12.99 6.50 -1.32
CA TRP A 68 -11.88 6.93 -0.48
C TRP A 68 -11.01 5.74 -0.14
N ARG A 69 -9.69 5.94 -0.16
CA ARG A 69 -8.74 4.87 0.11
C ARG A 69 -8.09 5.07 1.46
N PHE A 70 -8.16 4.04 2.30
CA PHE A 70 -7.42 3.95 3.56
C PHE A 70 -6.32 2.92 3.37
N ILE A 71 -5.16 3.15 3.99
CA ILE A 71 -4.11 2.15 4.12
C ILE A 71 -3.78 2.02 5.60
N PHE A 72 -3.86 0.81 6.11
CA PHE A 72 -3.57 0.53 7.52
C PHE A 72 -2.40 -0.45 7.61
N PRO A 73 -1.21 0.00 8.00
CA PRO A 73 -0.11 -0.96 8.22
C PRO A 73 -0.23 -1.65 9.56
N PHE A 74 0.08 -2.94 9.58
CA PHE A 74 0.05 -3.69 10.84
C PHE A 74 1.04 -4.85 10.76
N ASP A 75 1.50 -5.27 11.95
CA ASP A 75 2.33 -6.45 12.08
C ASP A 75 1.45 -7.66 12.37
N TYR A 76 1.92 -8.84 11.98
N TYR A 76 1.90 -8.83 11.94
CA TYR A 76 1.13 -10.06 12.07
CA TYR A 76 1.12 -10.04 12.14
C TYR A 76 2.04 -11.26 12.27
C TYR A 76 2.05 -11.24 12.32
N LEU A 77 1.55 -12.23 13.06
CA LEU A 77 2.25 -13.48 13.27
C LEU A 77 1.49 -14.57 12.52
N PRO A 78 1.95 -14.99 11.34
CA PRO A 78 1.18 -16.02 10.60
C PRO A 78 0.94 -17.27 11.41
N ALA A 79 1.98 -17.80 12.06
CA ALA A 79 1.82 -19.06 12.77
C ALA A 79 0.83 -18.96 13.91
N GLU A 80 0.74 -17.80 14.59
CA GLU A 80 -0.19 -17.61 15.73
C GLU A 80 -1.49 -16.95 15.26
N GLN A 81 -1.51 -16.39 14.05
CA GLN A 81 -2.70 -15.71 13.49
C GLN A 81 -3.11 -14.60 14.46
N VAL A 82 -2.15 -13.91 15.07
CA VAL A 82 -2.43 -12.88 16.11
C VAL A 82 -1.71 -11.57 15.79
N CYS A 83 -2.37 -10.43 15.95
CA CYS A 83 -1.77 -9.08 15.78
C CYS A 83 -0.78 -8.79 16.90
N THR A 84 0.26 -7.99 16.68
CA THR A 84 1.18 -7.50 17.75
C THR A 84 0.93 -5.99 17.79
N ILE A 85 0.18 -5.49 18.77
CA ILE A 85 -0.18 -4.09 18.78
C ILE A 85 1.05 -3.21 18.70
N ALA A 86 2.21 -3.71 19.14
CA ALA A 86 3.45 -2.99 18.97
C ALA A 86 3.86 -3.02 17.51
N LYS A 87 4.35 -1.88 17.00
CA LYS A 87 4.78 -1.82 15.61
C LYS A 87 5.97 -2.75 15.41
N LYS A 88 7.16 -2.19 15.18
CA LYS A 88 8.30 -3.01 14.81
C LYS A 88 9.59 -2.42 15.35
N ASP A 89 10.51 -3.32 15.68
CA ASP A 89 11.86 -2.99 16.13
C ASP A 89 11.88 -2.42 17.54
N ALA A 90 12.54 -1.27 17.71
CA ALA A 90 12.88 -0.82 19.04
C ALA A 90 11.66 -0.36 19.82
N PHE A 91 11.89 -0.10 21.11
CA PHE A 91 10.84 0.37 22.00
C PHE A 91 10.33 1.75 21.60
N TRP A 92 11.08 2.47 20.76
CA TRP A 92 10.63 3.80 20.35
C TRP A 92 9.31 3.70 19.59
N ARG A 93 9.11 2.59 18.90
CA ARG A 93 7.85 2.37 18.21
C ARG A 93 6.70 2.45 19.20
N LEU A 94 5.56 2.93 18.69
CA LEU A 94 4.37 3.03 19.52
C LEU A 94 3.84 1.63 19.83
N ASP A 95 3.28 1.48 21.03
CA ASP A 95 2.69 0.22 21.50
C ASP A 95 3.76 -0.80 21.92
N LYS A 96 4.94 -0.27 22.28
CA LYS A 96 6.17 -0.93 22.73
C LYS A 96 6.48 -2.26 22.07
N THR A 97 6.29 -3.34 22.82
CA THR A 97 6.64 -4.67 22.36
C THR A 97 5.55 -5.64 22.77
N GLU A 98 5.19 -6.52 21.80
CA GLU A 98 4.20 -7.59 21.80
C GLU A 98 2.86 -7.03 22.27
N SER A 99 2.11 -7.80 23.05
CA SER A 99 0.67 -7.62 23.31
C SER A 99 0.06 -8.33 22.11
N LYS A 100 -0.49 -9.52 22.30
CA LYS A 100 -1.01 -10.31 21.19
C LYS A 100 -2.54 -10.23 21.20
N ILE A 101 -3.10 -9.65 20.14
CA ILE A 101 -4.57 -9.50 20.07
C ILE A 101 -5.03 -9.91 18.70
N PRO A 102 -6.32 -10.22 18.54
CA PRO A 102 -6.84 -10.54 17.22
C PRO A 102 -6.76 -9.35 16.29
N ALA A 103 -6.50 -9.63 15.02
CA ALA A 103 -6.43 -8.59 14.00
C ALA A 103 -7.86 -8.16 13.66
N ARG A 104 -8.22 -6.93 14.02
CA ARG A 104 -9.57 -6.45 13.74
C ARG A 104 -9.49 -5.01 13.25
N VAL A 105 -10.31 -4.68 12.26
CA VAL A 105 -10.47 -3.31 11.80
C VAL A 105 -11.84 -2.81 12.25
N VAL A 106 -11.94 -1.51 12.51
CA VAL A 106 -13.20 -0.89 12.88
C VAL A 106 -13.56 0.16 11.86
N PHE A 107 -14.82 0.19 11.46
CA PHE A 107 -15.37 1.28 10.67
C PHE A 107 -16.54 1.89 11.40
N GLN A 108 -16.53 3.22 11.51
CA GLN A 108 -17.56 3.97 12.18
C GLN A 108 -18.13 5.01 11.23
N ILE A 109 -19.45 5.12 11.23
CA ILE A 109 -20.13 6.16 10.47
C ILE A 109 -20.49 7.28 11.42
N TRP A 110 -20.23 8.51 11.01
CA TRP A 110 -20.42 9.68 11.86
C TRP A 110 -21.16 10.76 11.09
N ASP A 111 -21.88 11.60 11.81
CA ASP A 111 -22.44 12.82 11.26
C ASP A 111 -21.56 13.98 11.68
N ASN A 112 -21.06 14.74 10.70
CA ASN A 112 -20.27 15.94 10.97
C ASN A 112 -21.21 17.10 11.32
N ASP A 113 -20.91 17.80 12.43
CA ASP A 113 -21.60 19.03 12.80
C ASP A 113 -20.56 20.15 12.85
N LYS A 114 -20.98 21.35 12.43
CA LYS A 114 -20.12 22.53 12.56
C LYS A 114 -20.27 23.19 13.93
N PHE A 115 -21.49 23.24 14.47
CA PHE A 115 -21.78 24.03 15.65
C PHE A 115 -22.04 23.17 16.89
N SER A 116 -21.76 21.87 16.82
CA SER A 116 -21.69 20.98 17.97
C SER A 116 -20.66 19.92 17.62
N PHE A 117 -20.48 18.93 18.49
CA PHE A 117 -19.58 17.82 18.19
C PHE A 117 -20.21 16.86 17.20
N ASP A 118 -19.35 16.20 16.40
CA ASP A 118 -19.83 15.17 15.51
C ASP A 118 -20.53 14.09 16.32
N ASP A 119 -21.49 13.41 15.69
CA ASP A 119 -22.36 12.45 16.36
C ASP A 119 -22.14 11.07 15.77
N PHE A 120 -21.99 10.07 16.64
CA PHE A 120 -21.78 8.68 16.23
C PHE A 120 -23.09 8.10 15.73
N LEU A 121 -23.05 7.47 14.56
CA LEU A 121 -24.23 6.88 13.94
C LEU A 121 -24.25 5.37 13.96
N GLY A 122 -23.11 4.72 13.76
CA GLY A 122 -23.05 3.27 13.83
C GLY A 122 -21.66 2.80 13.47
N SER A 123 -21.40 1.52 13.70
CA SER A 123 -20.09 0.98 13.41
C SER A 123 -20.17 -0.49 13.01
N LEU A 124 -19.05 -0.97 12.46
CA LEU A 124 -18.84 -2.36 12.11
C LEU A 124 -17.41 -2.72 12.48
N GLN A 125 -17.26 -3.81 13.22
CA GLN A 125 -15.97 -4.32 13.66
C GLN A 125 -15.77 -5.68 13.04
N LEU A 126 -14.63 -5.89 12.40
CA LEU A 126 -14.41 -7.09 11.63
C LEU A 126 -13.15 -7.81 12.08
N ASP A 127 -13.27 -9.13 12.23
N ASP A 127 -13.24 -9.13 12.20
CA ASP A 127 -12.14 -10.01 12.46
CA ASP A 127 -12.10 -9.97 12.52
C ASP A 127 -11.52 -10.35 11.11
C ASP A 127 -11.48 -10.46 11.21
N LEU A 128 -10.24 -10.03 10.94
CA LEU A 128 -9.60 -10.35 9.67
C LEU A 128 -9.39 -11.86 9.49
N ASN A 129 -9.41 -12.63 10.57
CA ASN A 129 -9.35 -14.08 10.45
C ASN A 129 -10.72 -14.70 10.21
N ARG A 130 -11.79 -14.08 10.71
CA ARG A 130 -13.13 -14.65 10.62
C ARG A 130 -14.11 -13.49 10.45
N MET A 131 -14.51 -13.24 9.21
CA MET A 131 -15.34 -12.08 8.97
C MET A 131 -16.52 -12.43 8.08
N PRO A 132 -17.65 -11.75 8.26
CA PRO A 132 -18.82 -12.07 7.44
C PRO A 132 -18.56 -11.78 5.97
N LYS A 133 -19.07 -12.66 5.11
CA LYS A 133 -18.98 -12.42 3.68
C LYS A 133 -19.80 -11.18 3.33
N PRO A 134 -19.40 -10.39 2.32
CA PRO A 134 -20.20 -9.24 1.89
C PRO A 134 -21.37 -9.51 0.94
N ALA A 135 -22.44 -8.73 1.04
CA ALA A 135 -23.61 -8.81 0.12
C ALA A 135 -23.26 -8.23 -1.24
N LYS A 136 -23.75 -8.79 -2.31
CA LYS A 136 -23.44 -8.31 -3.68
C LYS A 136 -23.98 -6.91 -3.85
N THR A 137 -25.16 -6.64 -3.31
CA THR A 137 -25.85 -5.35 -3.46
C THR A 137 -26.30 -4.80 -2.11
N ALA A 138 -26.59 -3.51 -2.06
CA ALA A 138 -27.09 -2.85 -0.85
C ALA A 138 -28.41 -3.50 -0.43
N LYS A 139 -29.24 -3.94 -1.35
CA LYS A 139 -30.57 -4.54 -1.06
C LYS A 139 -30.39 -5.83 -0.25
N LYS A 140 -29.38 -6.64 -0.57
CA LYS A 140 -29.14 -7.94 0.09
C LYS A 140 -28.31 -7.75 1.36
N CYS A 141 -27.88 -6.54 1.65
CA CYS A 141 -27.13 -6.26 2.86
C CYS A 141 -28.10 -6.18 4.03
N SER A 142 -27.87 -6.99 5.06
CA SER A 142 -28.74 -7.01 6.23
C SER A 142 -27.95 -7.52 7.43
N LEU A 143 -28.52 -7.29 8.61
CA LEU A 143 -27.90 -7.76 9.83
C LEU A 143 -27.78 -9.27 9.87
N ASP A 144 -28.53 -9.99 9.02
CA ASP A 144 -28.35 -11.45 8.93
C ASP A 144 -26.92 -11.81 8.59
N GLN A 145 -26.22 -10.95 7.84
CA GLN A 145 -24.83 -11.21 7.50
C GLN A 145 -23.96 -11.47 8.73
N LEU A 146 -24.38 -11.01 9.91
CA LEU A 146 -23.59 -11.09 11.12
C LEU A 146 -23.82 -12.38 11.89
N ASP A 147 -24.56 -13.32 11.31
CA ASP A 147 -25.02 -14.52 12.01
C ASP A 147 -23.89 -15.54 12.05
N ASP A 148 -23.02 -15.38 13.05
CA ASP A 148 -21.97 -16.37 13.27
C ASP A 148 -22.50 -17.60 13.99
N ALA A 149 -23.66 -17.51 14.66
CA ALA A 149 -24.17 -18.66 15.42
C ALA A 149 -24.78 -19.73 14.51
N PHE A 150 -25.63 -19.33 13.56
CA PHE A 150 -26.43 -20.29 12.82
C PHE A 150 -25.97 -20.50 11.39
N HIS A 151 -25.20 -19.56 10.83
CA HIS A 151 -24.63 -19.68 9.50
C HIS A 151 -23.14 -19.39 9.58
N PRO A 152 -22.39 -20.28 10.25
CA PRO A 152 -20.93 -20.09 10.33
C PRO A 152 -20.22 -20.16 9.00
N GLU A 153 -20.81 -20.81 8.00
CA GLU A 153 -20.19 -20.87 6.68
C GLU A 153 -20.13 -19.51 6.01
N TRP A 154 -20.87 -18.52 6.53
CA TRP A 154 -20.87 -17.18 5.96
C TRP A 154 -19.75 -16.29 6.51
N PHE A 155 -19.01 -16.76 7.51
CA PHE A 155 -17.79 -16.09 7.95
C PHE A 155 -16.60 -16.69 7.22
N VAL A 156 -15.56 -15.88 7.03
CA VAL A 156 -14.39 -16.33 6.27
C VAL A 156 -13.16 -15.59 6.77
N SER A 157 -12.00 -15.90 6.19
CA SER A 157 -10.74 -15.25 6.53
C SER A 157 -10.22 -14.43 5.36
N LEU A 158 -9.90 -13.17 5.62
CA LEU A 158 -9.36 -12.29 4.59
C LEU A 158 -7.92 -12.66 4.23
N PHE A 159 -7.14 -13.21 5.18
CA PHE A 159 -5.77 -13.60 4.87
C PHE A 159 -5.75 -14.68 3.79
N GLU A 160 -6.71 -15.58 3.82
CA GLU A 160 -6.79 -16.62 2.80
C GLU A 160 -7.33 -16.07 1.49
N GLN A 161 -8.44 -15.32 1.55
CA GLN A 161 -9.05 -14.78 0.34
C GLN A 161 -8.31 -13.58 -0.23
N LYS A 162 -7.55 -12.87 0.60
N LYS A 162 -7.52 -12.90 0.58
CA LYS A 162 -6.77 -11.72 0.17
CA LYS A 162 -6.70 -11.73 0.17
C LYS A 162 -7.63 -10.50 -0.16
C LYS A 162 -7.58 -10.53 -0.24
N THR A 163 -8.78 -10.70 -0.79
CA THR A 163 -9.60 -9.56 -1.19
C THR A 163 -11.08 -9.90 -1.19
N VAL A 164 -11.87 -8.98 -0.63
CA VAL A 164 -13.32 -9.08 -0.60
C VAL A 164 -13.90 -7.70 -0.95
N LYS A 165 -15.06 -7.71 -1.59
CA LYS A 165 -15.70 -6.49 -2.07
C LYS A 165 -17.21 -6.67 -1.91
N GLY A 166 -17.89 -5.61 -1.51
CA GLY A 166 -19.33 -5.67 -1.40
C GLY A 166 -19.84 -4.84 -0.26
N TRP A 167 -21.02 -5.21 0.22
CA TRP A 167 -21.75 -4.43 1.22
C TRP A 167 -21.76 -5.14 2.56
N TRP A 168 -21.55 -4.36 3.63
CA TRP A 168 -21.68 -4.82 5.00
C TRP A 168 -22.61 -3.90 5.77
N PRO A 169 -23.35 -4.43 6.74
CA PRO A 169 -24.19 -3.55 7.58
C PRO A 169 -23.40 -2.93 8.71
N CYS A 170 -23.80 -1.71 9.09
CA CYS A 170 -23.30 -1.06 10.30
C CYS A 170 -24.36 -1.17 11.39
N VAL A 171 -23.96 -1.19 12.65
CA VAL A 171 -24.90 -1.47 13.76
C VAL A 171 -24.87 -0.39 14.82
N ALA A 172 -26.00 -0.11 15.43
CA ALA A 172 -26.12 0.78 16.58
C ALA A 172 -26.86 -0.04 17.62
N GLU A 173 -26.51 0.06 18.90
CA GLU A 173 -27.13 -0.75 19.96
C GLU A 173 -28.22 0.05 20.67
N GLU A 174 -29.46 -0.44 20.62
CA GLU A 174 -30.60 0.15 21.37
C GLU A 174 -30.55 -0.62 22.68
N GLY A 175 -29.58 -0.30 23.54
CA GLY A 175 -29.32 -1.14 24.72
C GLY A 175 -28.79 -2.48 24.27
N GLU A 176 -29.33 -3.60 24.73
CA GLU A 176 -28.95 -4.96 24.29
C GLU A 176 -29.30 -5.12 22.80
N LYS A 177 -30.41 -4.55 22.32
CA LYS A 177 -30.90 -4.75 20.93
C LYS A 177 -29.94 -4.20 19.88
N LYS A 178 -29.87 -4.81 18.69
CA LYS A 178 -29.01 -4.37 17.57
C LYS A 178 -29.87 -3.84 16.42
N ILE A 179 -29.54 -2.64 15.95
CA ILE A 179 -30.40 -2.01 14.86
C ILE A 179 -29.50 -1.64 13.67
N LEU A 180 -29.97 -1.82 12.44
CA LEU A 180 -29.19 -1.44 11.24
C LEU A 180 -29.07 0.08 11.20
N ALA A 181 -27.85 0.60 11.29
CA ALA A 181 -27.58 2.02 11.27
C ALA A 181 -27.10 2.50 9.91
N GLY A 182 -26.74 1.59 9.02
CA GLY A 182 -26.20 1.99 7.73
C GLY A 182 -25.66 0.78 7.00
N LYS A 183 -25.41 0.97 5.70
CA LYS A 183 -24.80 -0.05 4.86
C LYS A 183 -23.57 0.53 4.19
N LEU A 184 -22.50 -0.26 4.15
CA LEU A 184 -21.19 0.22 3.73
C LEU A 184 -20.72 -0.63 2.55
N GLU A 185 -20.37 0.03 1.45
CA GLU A 185 -19.81 -0.64 0.28
C GLU A 185 -18.30 -0.46 0.31
N MET A 186 -17.55 -1.57 0.36
CA MET A 186 -16.13 -1.49 0.56
C MET A 186 -15.41 -2.54 -0.29
N THR A 187 -14.15 -2.25 -0.58
CA THR A 187 -13.18 -3.24 -1.01
C THR A 187 -12.11 -3.37 0.06
N LEU A 188 -11.88 -4.60 0.53
CA LEU A 188 -10.87 -4.86 1.53
C LEU A 188 -9.84 -5.83 0.98
N GLU A 189 -8.57 -5.50 1.14
CA GLU A 189 -7.48 -6.30 0.62
C GLU A 189 -6.32 -6.23 1.60
N ILE A 190 -5.79 -7.40 1.96
CA ILE A 190 -4.54 -7.47 2.72
C ILE A 190 -3.41 -7.59 1.73
N VAL A 191 -2.36 -6.79 1.93
CA VAL A 191 -1.29 -6.63 0.95
C VAL A 191 0.02 -6.92 1.66
N ALA A 192 0.88 -7.72 1.01
CA ALA A 192 2.21 -8.01 1.55
C ALA A 192 3.22 -6.98 1.04
N GLU A 193 4.37 -6.93 1.69
CA GLU A 193 5.42 -6.03 1.25
C GLU A 193 6.01 -6.46 -0.09
N SER A 194 5.94 -7.76 -0.43
CA SER A 194 6.50 -8.33 -1.68
C SER A 194 5.78 -9.62 -2.04
N GLU A 195 5.02 -9.63 -3.13
CA GLU A 195 4.24 -10.81 -3.57
C GLU A 195 3.69 -10.54 -4.96
N HIS A 196 3.16 -11.54 -5.65
CA HIS A 196 2.63 -11.40 -7.03
C HIS A 196 1.49 -10.39 -7.06
N GLU A 197 1.38 -9.61 -8.13
CA GLU A 197 0.35 -8.54 -8.23
C GLU A 197 -1.03 -9.16 -8.11
N GLU A 198 -1.25 -10.29 -8.77
CA GLU A 198 -2.53 -11.04 -8.69
C GLU A 198 -2.25 -12.54 -8.51
N ARG A 199 -3.13 -13.28 -7.83
CA ARG A 199 -2.95 -14.76 -7.78
C ARG A 199 -4.13 -15.43 -8.51
N MET B 6 5.37 18.70 9.52
CA MET B 6 5.71 17.40 10.11
C MET B 6 5.86 16.35 9.02
N ALA B 7 6.48 15.23 9.38
CA ALA B 7 6.69 14.13 8.45
C ALA B 7 5.43 13.27 8.31
N ARG B 8 5.06 12.98 7.06
CA ARG B 8 3.87 12.22 6.69
C ARG B 8 4.26 10.84 6.21
N ARG B 9 3.46 9.83 6.57
CA ARG B 9 3.74 8.45 6.20
C ARG B 9 3.17 8.21 4.80
N PHE B 10 4.04 7.80 3.87
CA PHE B 10 3.63 7.49 2.52
C PHE B 10 4.05 6.08 2.17
N PHE B 11 3.61 5.62 1.00
CA PHE B 11 3.91 4.28 0.52
C PHE B 11 4.21 4.33 -0.96
N LEU B 12 5.39 3.87 -1.34
CA LEU B 12 5.74 3.68 -2.73
C LEU B 12 5.27 2.29 -3.13
N ARG B 13 4.31 2.22 -4.05
CA ARG B 13 3.81 0.97 -4.59
C ARG B 13 4.51 0.78 -5.93
N CYS B 14 5.26 -0.31 -6.06
CA CYS B 14 6.00 -0.64 -7.27
C CYS B 14 5.50 -1.96 -7.82
N ILE B 15 5.08 -1.97 -9.07
CA ILE B 15 4.80 -3.19 -9.80
C ILE B 15 5.92 -3.40 -10.81
N ILE B 16 6.64 -4.51 -10.68
CA ILE B 16 7.60 -4.95 -11.69
C ILE B 16 6.85 -5.85 -12.65
N TRP B 17 6.60 -5.36 -13.86
CA TRP B 17 5.89 -6.16 -14.85
C TRP B 17 6.85 -7.11 -15.57
N ASN B 18 7.85 -6.56 -16.25
CA ASN B 18 8.73 -7.39 -17.07
C ASN B 18 10.09 -6.72 -17.17
N THR B 19 11.06 -7.50 -17.64
CA THR B 19 12.32 -6.96 -18.12
C THR B 19 12.59 -7.47 -19.53
N ARG B 20 13.36 -6.69 -20.28
CA ARG B 20 13.79 -7.09 -21.62
C ARG B 20 15.24 -6.71 -21.79
N ASP B 21 15.93 -7.40 -22.70
CA ASP B 21 17.28 -7.01 -23.10
C ASP B 21 18.27 -7.08 -21.96
N VAL B 22 18.04 -7.99 -21.02
CA VAL B 22 18.90 -8.07 -19.85
C VAL B 22 20.17 -8.84 -20.23
N ILE B 23 21.31 -8.36 -19.73
CA ILE B 23 22.56 -9.07 -19.94
C ILE B 23 22.42 -10.53 -19.55
N LEU B 24 23.01 -11.42 -20.35
CA LEU B 24 23.02 -12.85 -20.07
C LEU B 24 24.37 -13.20 -19.47
N ASP B 25 24.36 -13.69 -18.22
CA ASP B 25 25.54 -13.74 -17.39
C ASP B 25 26.15 -15.13 -17.28
N ASP B 26 25.39 -16.19 -17.57
CA ASP B 26 25.84 -17.55 -17.33
C ASP B 26 26.07 -18.26 -18.66
N LEU B 27 26.83 -19.34 -18.61
CA LEU B 27 26.84 -20.36 -19.65
C LEU B 27 26.12 -21.59 -19.10
N SER B 28 25.18 -22.13 -19.87
CA SER B 28 24.45 -23.31 -19.43
C SER B 28 25.36 -24.53 -19.50
N LEU B 29 24.92 -25.62 -18.88
CA LEU B 29 25.70 -26.86 -18.94
C LEU B 29 26.01 -27.28 -20.37
N THR B 30 25.18 -26.85 -21.33
CA THR B 30 25.45 -27.08 -22.74
C THR B 30 26.12 -25.89 -23.40
N GLY B 31 26.48 -24.87 -22.62
CA GLY B 31 27.27 -23.77 -23.12
C GLY B 31 26.52 -22.61 -23.73
N GLU B 32 25.19 -22.60 -23.68
N GLU B 32 25.19 -22.59 -23.65
CA GLU B 32 24.42 -21.49 -24.21
CA GLU B 32 24.40 -21.51 -24.19
C GLU B 32 24.28 -20.39 -23.17
C GLU B 32 24.26 -20.39 -23.16
N LYS B 33 24.14 -19.16 -23.66
CA LYS B 33 24.07 -17.99 -22.80
C LYS B 33 22.67 -17.82 -22.21
N MET B 34 22.63 -17.36 -20.96
CA MET B 34 21.36 -17.24 -20.26
C MET B 34 21.55 -16.49 -18.94
N SER B 35 20.43 -16.07 -18.37
CA SER B 35 20.40 -15.52 -17.03
C SER B 35 19.16 -16.01 -16.27
N ASP B 36 19.33 -16.12 -14.95
CA ASP B 36 18.24 -16.38 -14.00
C ASP B 36 17.91 -15.05 -13.33
N ILE B 37 16.95 -14.33 -13.89
CA ILE B 37 16.76 -12.90 -13.63
C ILE B 37 15.83 -12.69 -12.43
N TYR B 38 16.22 -11.77 -11.54
CA TYR B 38 15.29 -11.23 -10.56
C TYR B 38 15.60 -9.76 -10.32
N VAL B 39 14.66 -9.04 -9.73
CA VAL B 39 14.78 -7.60 -9.51
C VAL B 39 14.70 -7.35 -8.02
N LYS B 40 15.63 -6.55 -7.53
CA LYS B 40 15.70 -6.11 -6.14
C LYS B 40 15.38 -4.62 -6.11
N GLY B 41 14.65 -4.20 -5.09
CA GLY B 41 14.32 -2.80 -4.95
C GLY B 41 14.29 -2.39 -3.49
N TRP B 42 14.52 -1.10 -3.28
CA TRP B 42 14.43 -0.52 -1.95
C TRP B 42 14.55 0.99 -2.08
N MET B 43 14.14 1.68 -1.02
CA MET B 43 14.32 3.12 -0.92
C MET B 43 15.60 3.41 -0.15
N ILE B 44 16.35 4.39 -0.63
CA ILE B 44 17.57 4.84 0.04
C ILE B 44 17.21 5.34 1.43
N GLY B 45 18.02 4.95 2.41
CA GLY B 45 17.75 5.27 3.79
C GLY B 45 16.86 4.27 4.49
N PHE B 46 16.26 3.32 3.76
CA PHE B 46 15.42 2.26 4.30
C PHE B 46 15.91 0.92 3.81
N GLU B 47 17.23 0.73 3.86
N GLU B 47 17.22 0.71 3.85
CA GLU B 47 17.83 -0.52 3.38
CA GLU B 47 17.77 -0.54 3.35
C GLU B 47 17.33 -1.72 4.17
C GLU B 47 17.27 -1.74 4.15
N GLU B 48 16.74 -1.53 5.34
CA GLU B 48 16.18 -2.66 6.08
C GLU B 48 14.96 -3.26 5.38
N HIS B 49 14.30 -2.49 4.52
CA HIS B 49 13.08 -2.93 3.87
C HIS B 49 13.33 -3.51 2.48
N LYS B 50 14.53 -3.99 2.20
CA LYS B 50 14.80 -4.47 0.84
C LYS B 50 13.80 -5.58 0.47
N GLN B 51 13.43 -5.63 -0.82
CA GLN B 51 12.53 -6.67 -1.31
C GLN B 51 13.06 -7.17 -2.65
N LYS B 52 12.58 -8.34 -3.08
CA LYS B 52 12.98 -8.89 -4.37
C LYS B 52 11.83 -9.68 -4.97
N THR B 53 11.83 -9.76 -6.30
CA THR B 53 10.88 -10.59 -7.03
C THR B 53 11.31 -12.05 -6.94
N ASP B 54 10.44 -12.94 -7.44
CA ASP B 54 10.91 -14.29 -7.70
C ASP B 54 11.76 -14.26 -8.96
N VAL B 55 12.43 -15.38 -9.24
CA VAL B 55 13.41 -15.50 -10.36
C VAL B 55 12.77 -16.05 -11.63
N HIS B 56 13.05 -15.45 -12.78
CA HIS B 56 12.62 -16.00 -14.10
C HIS B 56 13.86 -16.77 -14.51
N TYR B 57 13.80 -18.07 -14.45
CA TYR B 57 15.01 -18.89 -14.64
C TYR B 57 15.34 -19.15 -16.10
N ARG B 58 16.61 -19.03 -16.46
CA ARG B 58 17.08 -19.55 -17.73
C ARG B 58 16.51 -18.68 -18.83
N SER B 59 16.58 -17.36 -18.59
CA SER B 59 16.22 -16.40 -19.62
C SER B 59 17.24 -16.46 -20.74
N LEU B 60 16.79 -16.82 -21.94
CA LEU B 60 17.69 -16.98 -23.08
C LEU B 60 17.73 -15.76 -23.99
N GLY B 61 16.81 -14.81 -23.82
CA GLY B 61 16.80 -13.62 -24.65
C GLY B 61 16.82 -12.37 -23.82
N GLY B 62 17.12 -12.53 -22.54
CA GLY B 62 17.18 -11.40 -21.63
C GLY B 62 15.84 -10.95 -21.13
N GLU B 63 14.79 -11.68 -21.43
CA GLU B 63 13.44 -11.30 -21.01
C GLU B 63 13.08 -12.03 -19.74
N GLY B 64 12.39 -11.32 -18.85
CA GLY B 64 11.85 -11.91 -17.65
C GLY B 64 10.45 -11.38 -17.42
N ASN B 65 9.61 -12.22 -16.81
CA ASN B 65 8.22 -11.91 -16.56
C ASN B 65 7.94 -12.12 -15.08
N PHE B 66 7.42 -11.09 -14.42
CA PHE B 66 7.34 -11.14 -12.97
C PHE B 66 5.97 -10.82 -12.39
N ASN B 67 5.35 -9.76 -12.90
CA ASN B 67 4.12 -9.23 -12.33
C ASN B 67 4.17 -9.25 -10.80
N TRP B 68 5.15 -8.53 -10.26
CA TRP B 68 5.47 -8.56 -8.84
C TRP B 68 5.21 -7.18 -8.24
N ARG B 69 4.65 -7.16 -7.04
CA ARG B 69 4.34 -5.91 -6.34
C ARG B 69 5.28 -5.72 -5.16
N PHE B 70 5.91 -4.54 -5.07
CA PHE B 70 6.66 -4.10 -3.90
C PHE B 70 5.86 -2.99 -3.23
N ILE B 71 5.89 -2.94 -1.91
CA ILE B 71 5.40 -1.79 -1.15
C ILE B 71 6.54 -1.29 -0.27
N PHE B 72 6.89 -0.01 -0.41
CA PHE B 72 7.96 0.59 0.40
C PHE B 72 7.38 1.73 1.23
N PRO B 73 7.21 1.56 2.54
CA PRO B 73 6.76 2.70 3.36
C PRO B 73 7.90 3.66 3.65
N PHE B 74 7.60 4.96 3.65
CA PHE B 74 8.62 5.94 4.01
C PHE B 74 7.96 7.19 4.61
N ASP B 75 8.72 7.88 5.45
CA ASP B 75 8.31 9.16 6.03
C ASP B 75 8.83 10.29 5.16
N TYR B 76 7.97 11.28 4.91
N TYR B 76 7.97 11.28 4.91
CA TYR B 76 8.28 12.35 3.97
CA TYR B 76 8.30 12.36 3.97
C TYR B 76 7.73 13.68 4.48
C TYR B 76 7.74 13.68 4.45
N LEU B 77 8.58 14.71 4.43
CA LEU B 77 8.19 16.07 4.79
C LEU B 77 8.01 16.88 3.52
N PRO B 78 6.78 17.22 3.12
CA PRO B 78 6.59 17.85 1.80
C PRO B 78 7.39 19.11 1.56
N ALA B 79 7.33 20.09 2.47
CA ALA B 79 7.99 21.37 2.23
C ALA B 79 9.51 21.19 2.14
N GLU B 80 10.07 20.28 2.95
CA GLU B 80 11.49 20.04 2.92
C GLU B 80 11.89 19.17 1.74
N GLN B 81 10.91 18.46 1.18
CA GLN B 81 11.10 17.66 -0.04
C GLN B 81 12.20 16.60 0.19
N VAL B 82 12.32 16.11 1.42
CA VAL B 82 13.32 15.08 1.76
C VAL B 82 12.77 14.04 2.73
N CYS B 83 13.25 12.82 2.65
CA CYS B 83 12.89 11.72 3.56
C CYS B 83 13.44 12.00 4.97
N THR B 84 12.87 11.39 5.98
CA THR B 84 13.27 11.44 7.38
C THR B 84 13.48 10.05 7.96
N ILE B 85 14.73 9.70 8.21
CA ILE B 85 15.07 8.43 8.83
C ILE B 85 15.87 8.76 10.09
N ALA B 86 15.42 8.24 11.23
CA ALA B 86 16.15 8.38 12.47
C ALA B 86 17.36 7.44 12.55
N LYS B 87 18.46 7.96 13.08
CA LYS B 87 19.65 7.16 13.30
C LYS B 87 19.38 6.10 14.35
N LYS B 88 19.99 4.92 14.19
CA LYS B 88 19.65 3.79 15.04
C LYS B 88 20.12 3.99 16.47
N ASP B 89 21.32 4.57 16.66
CA ASP B 89 21.81 4.80 18.02
C ASP B 89 20.83 5.65 18.81
N ALA B 90 20.34 6.74 18.23
CA ALA B 90 19.53 7.69 19.01
C ALA B 90 20.36 8.09 20.22
N PHE B 91 19.69 8.41 21.34
CA PHE B 91 20.38 8.70 22.60
C PHE B 91 20.85 10.14 22.69
N TRP B 92 21.79 10.52 21.83
CA TRP B 92 22.41 11.83 21.89
C TRP B 92 21.96 12.74 20.76
N ARG B 93 21.51 13.93 21.13
CA ARG B 93 21.12 15.02 20.23
C ARG B 93 19.82 14.76 19.49
N LEU B 94 19.13 13.68 19.80
CA LEU B 94 17.84 13.33 19.21
C LEU B 94 17.56 13.98 17.86
N ASP B 95 17.41 15.31 17.82
CA ASP B 95 17.17 15.96 16.53
C ASP B 95 18.22 15.55 15.51
N LYS B 96 19.49 15.46 15.93
CA LYS B 96 20.51 14.96 15.02
C LYS B 96 20.29 13.49 14.71
N THR B 97 19.66 12.74 15.63
CA THR B 97 19.37 11.33 15.35
C THR B 97 18.58 11.22 14.05
N GLU B 98 17.60 12.10 13.86
CA GLU B 98 16.87 12.17 12.62
C GLU B 98 17.79 12.70 11.52
N SER B 99 17.45 12.40 10.27
CA SER B 99 18.37 12.62 9.16
C SER B 99 17.52 12.87 7.93
N LYS B 100 17.67 14.05 7.33
CA LYS B 100 16.86 14.47 6.19
C LYS B 100 17.66 14.21 4.92
N ILE B 101 17.16 13.32 4.08
CA ILE B 101 17.86 12.93 2.85
C ILE B 101 16.87 12.92 1.69
N PRO B 102 17.35 12.98 0.45
CA PRO B 102 16.46 12.91 -0.71
C PRO B 102 15.77 11.56 -0.86
N ALA B 103 14.52 11.59 -1.32
CA ALA B 103 13.71 10.39 -1.54
C ALA B 103 14.13 9.72 -2.84
N ARG B 104 14.72 8.53 -2.74
CA ARG B 104 15.24 7.81 -3.89
C ARG B 104 14.89 6.34 -3.75
N VAL B 105 14.48 5.72 -4.87
CA VAL B 105 14.28 4.28 -4.96
C VAL B 105 15.35 3.69 -5.87
N VAL B 106 15.75 2.46 -5.56
CA VAL B 106 16.73 1.72 -6.34
C VAL B 106 16.10 0.43 -6.83
N PHE B 107 16.33 0.12 -8.10
CA PHE B 107 16.03 -1.19 -8.63
C PHE B 107 17.30 -1.77 -9.22
N GLN B 108 17.59 -3.01 -8.86
CA GLN B 108 18.76 -3.72 -9.33
C GLN B 108 18.31 -5.01 -9.97
N ILE B 109 18.89 -5.33 -11.13
CA ILE B 109 18.64 -6.59 -11.81
C ILE B 109 19.80 -7.51 -11.47
N TRP B 110 19.49 -8.75 -11.09
CA TRP B 110 20.48 -9.69 -10.62
C TRP B 110 20.26 -11.02 -11.31
N ASP B 111 21.34 -11.78 -11.45
CA ASP B 111 21.29 -13.16 -11.88
C ASP B 111 21.42 -14.06 -10.65
N ASN B 112 20.43 -14.93 -10.46
CA ASN B 112 20.49 -15.91 -9.39
C ASN B 112 21.42 -17.04 -9.79
N ASP B 113 22.34 -17.39 -8.91
CA ASP B 113 23.24 -18.51 -9.11
C ASP B 113 22.95 -19.53 -8.03
N LYS B 114 23.06 -20.81 -8.36
CA LYS B 114 22.84 -21.87 -7.39
C LYS B 114 24.12 -22.17 -6.60
N PHE B 115 25.25 -22.23 -7.29
CA PHE B 115 26.50 -22.73 -6.74
C PHE B 115 27.57 -21.64 -6.62
N SER B 116 27.20 -20.38 -6.80
CA SER B 116 28.04 -19.25 -6.48
C SER B 116 27.11 -18.13 -6.05
N PHE B 117 27.66 -16.97 -5.77
CA PHE B 117 26.85 -15.84 -5.35
C PHE B 117 26.12 -15.25 -6.56
N ASP B 118 24.92 -14.72 -6.30
CA ASP B 118 24.22 -14.01 -7.36
C ASP B 118 25.10 -12.88 -7.88
N ASP B 119 24.90 -12.55 -9.15
CA ASP B 119 25.75 -11.60 -9.86
C ASP B 119 24.94 -10.38 -10.26
N PHE B 120 25.51 -9.19 -10.01
CA PHE B 120 24.85 -7.94 -10.36
C PHE B 120 24.91 -7.68 -11.85
N LEU B 121 23.76 -7.31 -12.42
CA LEU B 121 23.68 -7.07 -13.86
C LEU B 121 23.50 -5.61 -14.22
N GLY B 122 22.69 -4.87 -13.47
CA GLY B 122 22.52 -3.45 -13.74
C GLY B 122 21.51 -2.90 -12.77
N SER B 123 21.42 -1.56 -12.74
CA SER B 123 20.52 -0.91 -11.80
C SER B 123 19.96 0.39 -12.36
N LEU B 124 18.92 0.88 -11.68
CA LEU B 124 18.35 2.19 -11.94
C LEU B 124 17.98 2.82 -10.60
N GLN B 125 18.42 4.06 -10.41
CA GLN B 125 18.15 4.82 -9.21
C GLN B 125 17.35 6.04 -9.59
N LEU B 126 16.23 6.27 -8.90
CA LEU B 126 15.29 7.30 -9.26
C LEU B 126 15.08 8.23 -8.07
N ASP B 127 15.35 9.52 -8.27
CA ASP B 127 14.97 10.55 -7.32
C ASP B 127 13.49 10.85 -7.54
N LEU B 128 12.68 10.64 -6.51
CA LEU B 128 11.23 10.72 -6.68
C LEU B 128 10.76 12.14 -7.00
N ASN B 129 11.54 13.17 -6.66
CA ASN B 129 11.20 14.53 -7.03
C ASN B 129 11.67 14.95 -8.42
N ARG B 130 12.65 14.25 -9.00
N ARG B 130 12.61 14.20 -9.01
CA ARG B 130 13.10 14.56 -10.36
CA ARG B 130 13.17 14.52 -10.33
C ARG B 130 13.61 13.24 -10.96
C ARG B 130 13.63 13.21 -10.95
N MET B 131 12.73 12.56 -11.68
CA MET B 131 13.03 11.25 -12.27
C MET B 131 12.63 11.23 -13.75
N PRO B 132 13.33 10.45 -14.56
CA PRO B 132 13.03 10.43 -16.00
C PRO B 132 11.64 9.86 -16.31
N LYS B 133 10.98 10.46 -17.31
CA LYS B 133 9.70 9.92 -17.77
C LYS B 133 9.90 8.54 -18.37
N PRO B 134 8.95 7.62 -18.22
CA PRO B 134 9.13 6.28 -18.81
C PRO B 134 8.87 6.33 -20.31
N ALA B 135 9.30 5.27 -21.00
CA ALA B 135 9.01 5.10 -22.41
C ALA B 135 7.78 4.22 -22.54
N LYS B 136 7.02 4.34 -23.61
CA LYS B 136 5.73 3.61 -23.75
C LYS B 136 5.99 2.17 -24.18
N THR B 137 7.10 1.93 -24.85
CA THR B 137 7.47 0.59 -25.35
C THR B 137 8.93 0.31 -25.04
N ALA B 138 9.26 -0.96 -24.89
CA ALA B 138 10.66 -1.39 -24.67
C ALA B 138 11.48 -0.97 -25.88
N LYS B 139 10.89 -0.94 -27.08
CA LYS B 139 11.62 -0.53 -28.27
C LYS B 139 12.17 0.88 -28.26
N LYS B 140 11.45 1.78 -27.58
CA LYS B 140 11.81 3.21 -27.44
C LYS B 140 12.52 3.44 -26.09
N CYS B 141 12.76 2.38 -25.33
CA CYS B 141 13.38 2.48 -24.01
C CYS B 141 14.87 2.49 -24.34
N SER B 142 15.57 3.54 -23.93
CA SER B 142 16.98 3.69 -24.21
C SER B 142 17.59 4.63 -23.17
N LEU B 143 18.92 4.63 -23.12
CA LEU B 143 19.65 5.48 -22.19
C LEU B 143 19.41 6.97 -22.45
N ASP B 144 18.92 7.32 -23.63
CA ASP B 144 18.57 8.71 -23.88
C ASP B 144 17.53 9.24 -22.90
N GLN B 145 16.67 8.35 -22.39
CA GLN B 145 15.70 8.76 -21.37
C GLN B 145 16.34 9.45 -20.17
N LEU B 146 17.62 9.19 -19.91
CA LEU B 146 18.30 9.69 -18.72
C LEU B 146 18.96 11.05 -18.93
N ASP B 147 18.73 11.69 -20.08
CA ASP B 147 19.44 12.91 -20.45
C ASP B 147 18.78 14.11 -19.78
N ASP B 148 19.17 14.35 -18.53
CA ASP B 148 18.68 15.52 -17.80
C ASP B 148 19.41 16.81 -18.15
N ALA B 149 20.61 16.72 -18.72
CA ALA B 149 21.41 17.90 -18.97
C ALA B 149 20.74 18.76 -20.03
N PHE B 150 20.16 18.06 -20.98
CA PHE B 150 19.93 18.42 -22.34
C PHE B 150 18.46 18.42 -22.69
N HIS B 151 17.70 17.58 -21.99
CA HIS B 151 16.24 17.50 -22.04
C HIS B 151 15.76 17.49 -20.59
N PRO B 152 15.94 18.59 -19.86
CA PRO B 152 15.47 18.60 -18.46
C PRO B 152 13.96 18.44 -18.34
N GLU B 153 13.21 18.78 -19.40
CA GLU B 153 11.76 18.62 -19.40
C GLU B 153 11.32 17.17 -19.36
N TRP B 154 12.24 16.24 -19.58
CA TRP B 154 11.94 14.82 -19.53
C TRP B 154 11.98 14.24 -18.11
N PHE B 155 12.33 15.06 -17.12
N PHE B 155 12.27 15.07 -17.10
CA PHE B 155 12.40 14.66 -15.72
CA PHE B 155 12.38 14.60 -15.72
C PHE B 155 11.22 15.27 -14.98
C PHE B 155 11.31 15.28 -14.89
N VAL B 156 10.49 14.46 -14.23
CA VAL B 156 9.29 14.90 -13.52
C VAL B 156 9.38 14.47 -12.06
N SER B 157 8.36 14.84 -11.30
CA SER B 157 8.25 14.49 -9.89
C SER B 157 7.09 13.53 -9.69
N LEU B 158 7.35 12.42 -9.01
CA LEU B 158 6.30 11.44 -8.77
C LEU B 158 5.27 11.96 -7.77
N PHE B 159 5.68 12.82 -6.84
CA PHE B 159 4.73 13.39 -5.89
C PHE B 159 3.66 14.21 -6.61
N GLU B 160 4.04 14.90 -7.68
CA GLU B 160 3.07 15.67 -8.46
C GLU B 160 2.22 14.75 -9.33
N GLN B 161 2.88 13.82 -10.03
CA GLN B 161 2.18 12.94 -10.96
C GLN B 161 1.43 11.82 -10.25
N LYS B 162 1.89 11.43 -9.06
CA LYS B 162 1.28 10.37 -8.26
C LYS B 162 1.49 8.98 -8.85
N THR B 163 1.40 8.85 -10.17
CA THR B 163 1.55 7.53 -10.79
C THR B 163 2.14 7.63 -12.18
N VAL B 164 3.13 6.77 -12.46
CA VAL B 164 3.75 6.66 -13.78
C VAL B 164 3.96 5.19 -14.10
N LYS B 165 3.88 4.86 -15.40
CA LYS B 165 3.98 3.49 -15.87
C LYS B 165 4.71 3.48 -17.20
N GLY B 166 5.51 2.45 -17.41
CA GLY B 166 6.21 2.33 -18.67
C GLY B 166 7.57 1.68 -18.49
N TRP B 167 8.47 1.99 -19.42
CA TRP B 167 9.77 1.34 -19.50
C TRP B 167 10.86 2.33 -19.11
N TRP B 168 11.82 1.83 -18.33
CA TRP B 168 13.02 2.56 -17.95
C TRP B 168 14.25 1.70 -18.24
N PRO B 169 15.37 2.31 -18.62
CA PRO B 169 16.60 1.54 -18.81
C PRO B 169 17.34 1.32 -17.49
N CYS B 170 18.03 0.19 -17.41
CA CYS B 170 18.98 -0.08 -16.34
C CYS B 170 20.37 0.07 -16.91
N VAL B 171 21.31 0.51 -16.09
CA VAL B 171 22.67 0.87 -16.57
C VAL B 171 23.74 0.10 -15.81
N ALA B 172 24.82 -0.27 -16.47
CA ALA B 172 26.00 -0.89 -15.83
C ALA B 172 27.18 -0.03 -16.20
N GLU B 173 28.03 0.38 -15.27
CA GLU B 173 29.13 1.31 -15.61
C GLU B 173 30.37 0.51 -15.97
N GLU B 174 30.84 0.62 -17.21
CA GLU B 174 32.13 0.01 -17.63
C GLU B 174 32.99 1.16 -18.17
N GLY B 175 34.18 1.35 -17.61
CA GLY B 175 35.07 2.44 -18.04
C GLY B 175 34.41 3.79 -17.88
N GLU B 176 33.74 4.06 -16.75
CA GLU B 176 33.04 5.30 -16.50
C GLU B 176 32.09 5.65 -17.63
N LYS B 177 31.69 4.70 -18.49
CA LYS B 177 30.65 4.99 -19.47
C LYS B 177 29.50 4.00 -19.35
N LYS B 178 28.29 4.55 -19.31
CA LYS B 178 27.07 3.81 -19.09
C LYS B 178 26.78 2.89 -20.26
N ILE B 179 26.41 1.65 -19.94
CA ILE B 179 25.91 0.69 -20.92
C ILE B 179 24.50 0.28 -20.51
N LEU B 180 23.65 0.05 -21.49
CA LEU B 180 22.33 -0.50 -21.25
C LEU B 180 22.45 -1.93 -20.76
N ALA B 181 22.01 -2.17 -19.52
CA ALA B 181 22.09 -3.49 -18.90
C ALA B 181 20.76 -4.24 -18.94
N GLY B 182 19.67 -3.55 -19.26
CA GLY B 182 18.35 -4.13 -19.28
C GLY B 182 17.27 -3.08 -19.41
N LYS B 183 16.04 -3.48 -19.73
CA LYS B 183 14.91 -2.58 -19.80
C LYS B 183 13.85 -3.08 -18.83
N LEU B 184 13.27 -2.15 -18.08
CA LEU B 184 12.41 -2.49 -16.96
C LEU B 184 11.05 -1.86 -17.18
N GLU B 185 10.00 -2.68 -17.15
CA GLU B 185 8.64 -2.18 -17.25
C GLU B 185 8.00 -2.18 -15.87
N MET B 186 7.58 -1.01 -15.39
CA MET B 186 7.08 -0.88 -14.04
C MET B 186 5.91 0.09 -14.00
N THR B 187 5.08 -0.06 -12.98
CA THR B 187 4.14 0.95 -12.52
C THR B 187 4.60 1.44 -11.16
N LEU B 188 4.76 2.75 -11.03
CA LEU B 188 5.17 3.39 -9.77
C LEU B 188 4.10 4.38 -9.32
N GLU B 189 3.73 4.30 -8.05
CA GLU B 189 2.68 5.14 -7.48
C GLU B 189 3.02 5.47 -6.03
N ILE B 190 2.95 6.73 -5.67
CA ILE B 190 3.03 7.15 -4.27
C ILE B 190 1.62 7.24 -3.70
N VAL B 191 1.43 6.66 -2.53
CA VAL B 191 0.12 6.44 -1.95
C VAL B 191 0.11 7.01 -0.54
N ALA B 192 -0.93 7.76 -0.20
CA ALA B 192 -1.09 8.30 1.13
C ALA B 192 -1.87 7.35 2.02
N GLU B 193 -1.78 7.58 3.34
CA GLU B 193 -2.51 6.76 4.29
C GLU B 193 -4.02 6.92 4.17
N SER B 194 -4.49 8.06 3.64
CA SER B 194 -5.92 8.33 3.53
C SER B 194 -6.11 9.40 2.46
N GLU B 195 -6.79 9.04 1.37
CA GLU B 195 -7.01 9.99 0.28
C GLU B 195 -8.06 9.43 -0.66
N HIS B 196 -8.50 10.27 -1.59
CA HIS B 196 -9.53 9.90 -2.59
C HIS B 196 -8.97 8.94 -3.63
N GLU B 197 -9.67 7.85 -3.90
CA GLU B 197 -9.25 6.84 -4.89
C GLU B 197 -9.49 7.36 -6.31
N GLU B 198 -8.49 7.30 -7.18
CA GLU B 198 -8.67 7.60 -8.63
C GLU B 198 -9.29 8.98 -8.85
N ARG B 199 -8.86 10.00 -8.10
CA ARG B 199 -9.39 11.38 -8.26
C ARG B 199 -9.70 11.63 -9.74
#